data_9CXN
#
_entry.id   9CXN
#
_cell.length_a   52.600
_cell.length_b   111.519
_cell.length_c   132.915
_cell.angle_alpha   90.00
_cell.angle_beta   90.00
_cell.angle_gamma   90.00
#
_symmetry.space_group_name_H-M   'P 21 21 21'
#
loop_
_entity.id
_entity.type
_entity.pdbx_description
1 polymer Fructosamine-3-kinase
2 non-polymer 'SULFATE ION'
3 non-polymer 1,2-ETHANEDIOL
4 non-polymer 'PHOSPHOAMINOPHOSPHONIC ACID-ADENYLATE ESTER'
5 non-polymer 1-deoxy-1-(morpholin-4-yl)-D-fructose
6 water water
#
_entity_poly.entity_id   1
_entity_poly.type   'polypeptide(L)'
_entity_poly.pdbx_seq_one_letter_code
;AMEQLLRAELRTATLRAFGGPGAGCISEGRAYDTDAGPVFVKVNRRTQARQMFEGEVASLEALRSTGLVRVPRPMKVIDL
PGGGAAFVMEHLKMKSLSSQASKLGEQMADLHLYNQKGSSYVDKFGFHTVTCCGFIPQVNEWQDDWPTFFARHRLQAQLD
LIEKDYADREARELWSRLQVKIPDLFCGLEIVPALLHGDLWSGNVAEDDVGPIIYDPASFYGHSEFELAIALMFGGFPRS
FFTAYHRKIPKAPGFDQRLLLYQLFNYLNHWNHFGREYRSPSLGTMRRLLK
;
_entity_poly.pdbx_strand_id   A,B
#
loop_
_chem_comp.id
_chem_comp.type
_chem_comp.name
_chem_comp.formula
A1A0O non-polymer 1-deoxy-1-(morpholin-4-yl)-D-fructose 'C10 H19 N O6'
ANP non-polymer 'PHOSPHOAMINOPHOSPHONIC ACID-ADENYLATE ESTER' 'C10 H17 N6 O12 P3'
EDO non-polymer 1,2-ETHANEDIOL 'C2 H6 O2'
SO4 non-polymer 'SULFATE ION' 'O4 S -2'
#
# COMPACT_ATOMS: atom_id res chain seq x y z
N ALA A 1 26.73 -3.62 8.14
CA ALA A 1 25.29 -3.56 7.87
C ALA A 1 24.96 -4.14 6.49
N MET A 2 23.78 -3.83 5.97
CA MET A 2 23.31 -4.53 4.77
C MET A 2 24.21 -4.22 3.56
N GLU A 3 24.71 -2.99 3.45
CA GLU A 3 25.59 -2.67 2.33
C GLU A 3 26.94 -3.38 2.41
N GLN A 4 27.47 -3.59 3.62
CA GLN A 4 28.68 -4.42 3.73
C GLN A 4 28.36 -5.85 3.34
N LEU A 5 27.17 -6.31 3.72
CA LEU A 5 26.79 -7.65 3.37
C LEU A 5 26.70 -7.82 1.84
N LEU A 6 26.16 -6.81 1.13
CA LEU A 6 26.11 -6.83 -0.35
C LEU A 6 27.51 -6.80 -0.95
N ARG A 7 28.39 -5.90 -0.45
CA ARG A 7 29.75 -5.91 -0.99
C ARG A 7 30.39 -7.28 -0.84
N ALA A 8 30.18 -7.95 0.31
CA ALA A 8 30.82 -9.23 0.52
C ALA A 8 30.20 -10.31 -0.37
N GLU A 9 28.86 -10.37 -0.39
CA GLU A 9 28.18 -11.41 -1.16
C GLU A 9 28.44 -11.24 -2.65
N LEU A 10 28.50 -10.02 -3.13
CA LEU A 10 28.77 -9.80 -4.53
C LEU A 10 30.26 -9.70 -4.86
N ARG A 11 31.11 -9.60 -3.84
CA ARG A 11 32.58 -9.46 -4.05
C ARG A 11 32.91 -8.23 -4.89
N THR A 12 32.45 -7.08 -4.43
CA THR A 12 32.66 -5.82 -5.10
C THR A 12 33.18 -4.79 -4.11
N ALA A 13 34.15 -3.99 -4.55
CA ALA A 13 34.62 -2.89 -3.72
C ALA A 13 33.61 -1.75 -3.68
N THR A 14 33.04 -1.39 -4.83
CA THR A 14 32.07 -0.30 -4.89
C THR A 14 30.66 -0.85 -4.75
N LEU A 15 29.78 0.00 -4.23
CA LEU A 15 28.37 -0.24 -4.08
C LEU A 15 27.74 1.13 -4.01
N ARG A 16 27.63 1.80 -5.16
CA ARG A 16 27.21 3.19 -5.18
C ARG A 16 25.74 3.22 -5.55
N ALA A 17 24.92 3.64 -4.60
CA ALA A 17 23.49 3.79 -4.84
C ALA A 17 23.24 4.76 -5.99
N PHE A 18 22.18 4.51 -6.77
CA PHE A 18 21.74 5.40 -7.85
C PHE A 18 20.30 5.07 -8.23
N GLY A 19 19.63 5.99 -8.92
CA GLY A 19 18.38 5.67 -9.59
C GLY A 19 17.17 6.39 -9.01
N GLY A 20 16.04 6.19 -9.70
CA GLY A 20 14.82 6.93 -9.46
C GLY A 20 13.81 6.18 -8.63
N PRO A 21 12.61 6.79 -8.41
CA PRO A 21 11.60 6.17 -7.53
C PRO A 21 11.06 4.84 -8.07
N GLY A 22 10.68 4.83 -9.34
CA GLY A 22 10.05 3.67 -9.94
C GLY A 22 8.54 3.81 -10.03
N ALA A 23 7.90 2.64 -10.13
CA ALA A 23 6.44 2.62 -10.26
C ALA A 23 5.76 2.90 -8.92
N GLY A 24 6.23 2.27 -7.85
CA GLY A 24 5.64 2.64 -6.58
C GLY A 24 4.58 1.65 -6.11
N CYS A 25 3.67 2.12 -5.26
CA CYS A 25 2.64 1.30 -4.62
C CYS A 25 1.43 1.11 -5.53
N SER A 27 -1.03 1.01 -3.62
CA SER A 27 -2.38 1.36 -3.24
C SER A 27 -2.31 2.80 -2.78
N GLU A 28 -1.08 3.32 -2.90
CA GLU A 28 -0.81 4.70 -2.59
C GLU A 28 -1.16 5.63 -3.77
N GLY A 29 -0.73 5.29 -4.98
CA GLY A 29 -1.01 6.13 -6.14
C GLY A 29 0.08 6.01 -7.18
N ARG A 30 0.15 7.01 -8.08
CA ARG A 30 1.11 6.99 -9.18
C ARG A 30 1.57 8.40 -9.50
N ALA A 31 2.85 8.54 -9.85
CA ALA A 31 3.50 9.77 -10.29
C ALA A 31 3.56 9.84 -11.81
N TYR A 32 3.44 11.06 -12.35
CA TYR A 32 3.44 11.31 -13.78
C TYR A 32 4.26 12.55 -14.07
N ASP A 33 5.02 12.51 -15.16
CA ASP A 33 5.61 13.73 -15.72
C ASP A 33 4.57 14.46 -16.58
N THR A 34 4.51 15.78 -16.46
CA THR A 34 3.56 16.59 -17.23
C THR A 34 4.27 17.81 -17.77
N ASP A 35 3.50 18.60 -18.51
CA ASP A 35 4.01 19.84 -19.11
C ASP A 35 4.42 20.86 -18.06
N ALA A 36 3.71 20.89 -16.93
CA ALA A 36 3.97 21.84 -15.86
C ALA A 36 4.86 21.26 -14.77
N GLY A 37 5.52 20.14 -15.04
CA GLY A 37 6.32 19.48 -14.04
C GLY A 37 5.66 18.23 -13.51
N PRO A 38 6.30 17.58 -12.55
CA PRO A 38 5.82 16.26 -12.12
C PRO A 38 4.63 16.40 -11.19
N VAL A 39 3.74 15.38 -11.21
CA VAL A 39 2.61 15.36 -10.30
C VAL A 39 2.48 13.97 -9.72
N PHE A 40 1.81 13.90 -8.58
CA PHE A 40 1.47 12.65 -7.95
C PHE A 40 -0.05 12.55 -7.83
N VAL A 41 -0.61 11.38 -8.15
CA VAL A 41 -2.06 11.18 -8.26
C VAL A 41 -2.48 10.04 -7.37
N LYS A 42 -3.38 10.32 -6.45
CA LYS A 42 -4.01 9.28 -5.66
C LYS A 42 -5.39 8.99 -6.22
N VAL A 43 -5.78 7.72 -6.22
CA VAL A 43 -7.07 7.30 -6.77
C VAL A 43 -7.80 6.47 -5.72
N ASN A 44 -9.08 6.74 -5.53
CA ASN A 44 -9.88 5.89 -4.68
C ASN A 44 -11.27 5.84 -5.26
N ARG A 45 -11.79 4.64 -5.49
CA ARG A 45 -13.04 4.52 -6.23
C ARG A 45 -14.27 4.43 -5.33
N ARG A 46 -14.10 4.52 -4.02
CA ARG A 46 -15.25 4.45 -3.14
C ARG A 46 -16.02 5.76 -3.17
N THR A 47 -17.31 5.67 -2.82
CA THR A 47 -18.17 6.84 -2.86
C THR A 47 -17.68 7.99 -1.95
N GLN A 48 -16.94 7.68 -0.86
CA GLN A 48 -16.44 8.71 0.06
C GLN A 48 -15.06 9.25 -0.33
N ALA A 49 -14.54 8.86 -1.48
CA ALA A 49 -13.20 9.29 -1.88
C ALA A 49 -13.08 10.82 -1.87
N ARG A 50 -14.07 11.54 -2.41
CA ARG A 50 -13.93 12.99 -2.48
C ARG A 50 -13.87 13.62 -1.08
N GLN A 51 -14.73 13.17 -0.16
CA GLN A 51 -14.67 13.65 1.24
C GLN A 51 -13.29 13.41 1.84
N MET A 52 -12.73 12.22 1.62
CA MET A 52 -11.40 11.89 2.13
C MET A 52 -10.37 12.86 1.60
N PHE A 53 -10.40 13.09 0.28
CA PHE A 53 -9.36 13.91 -0.30
C PHE A 53 -9.55 15.37 0.04
N GLU A 54 -10.80 15.79 0.22
CA GLU A 54 -11.03 17.16 0.63
C GLU A 54 -10.49 17.37 2.04
N GLY A 55 -10.62 16.35 2.90
CA GLY A 55 -9.97 16.45 4.21
C GLY A 55 -8.47 16.60 4.10
N GLU A 56 -7.85 15.86 3.17
CA GLU A 56 -6.42 15.95 3.00
C GLU A 56 -6.02 17.31 2.47
N VAL A 57 -6.80 17.85 1.53
CA VAL A 57 -6.51 19.19 1.00
C VAL A 57 -6.60 20.21 2.13
N ALA A 58 -7.65 20.11 2.93
CA ALA A 58 -7.82 21.06 4.07
C ALA A 58 -6.64 20.96 5.05
N SER A 59 -6.21 19.75 5.33
CA SER A 59 -5.02 19.53 6.18
C SER A 59 -3.77 20.12 5.56
N LEU A 60 -3.50 19.80 4.26
CA LEU A 60 -2.35 20.37 3.59
C LEU A 60 -2.42 21.90 3.61
N GLU A 61 -3.62 22.47 3.43
CA GLU A 61 -3.73 23.92 3.37
C GLU A 61 -3.46 24.54 4.74
N ALA A 62 -3.97 23.89 5.80
CA ALA A 62 -3.73 24.41 7.16
C ALA A 62 -2.26 24.37 7.49
N LEU A 63 -1.56 23.27 7.12
CA LEU A 63 -0.14 23.23 7.37
C LEU A 63 0.61 24.25 6.52
N ARG A 64 0.23 24.39 5.22
CA ARG A 64 0.95 25.34 4.38
C ARG A 64 0.77 26.76 4.89
N SER A 65 -0.37 27.05 5.47
CA SER A 65 -0.61 28.41 5.96
C SER A 65 0.35 28.81 7.07
N THR A 66 0.88 27.84 7.84
CA THR A 66 1.83 28.22 8.89
C THR A 66 3.17 28.65 8.33
N GLY A 67 3.49 28.24 7.10
CA GLY A 67 4.80 28.45 6.55
C GLY A 67 5.95 27.76 7.26
N LEU A 68 5.67 26.81 8.16
CA LEU A 68 6.72 26.21 8.97
C LEU A 68 7.24 24.87 8.45
N VAL A 69 6.46 24.18 7.60
CA VAL A 69 6.85 22.84 7.17
C VAL A 69 6.56 22.71 5.67
N ARG A 70 7.35 21.91 5.00
CA ARG A 70 7.21 21.74 3.54
C ARG A 70 6.29 20.56 3.29
N VAL A 71 5.18 20.79 2.57
CA VAL A 71 4.23 19.75 2.20
C VAL A 71 3.90 19.88 0.73
N PRO A 72 3.46 18.82 0.07
CA PRO A 72 3.15 18.97 -1.37
C PRO A 72 1.92 19.90 -1.53
N ARG A 73 1.97 20.74 -2.54
CA ARG A 73 0.86 21.62 -2.82
C ARG A 73 -0.29 20.84 -3.44
N PRO A 74 -1.50 20.92 -2.89
CA PRO A 74 -2.66 20.28 -3.53
C PRO A 74 -3.00 21.00 -4.81
N MET A 75 -3.40 20.23 -5.83
CA MET A 75 -3.68 20.80 -7.15
C MET A 75 -5.13 20.63 -7.54
N LYS A 76 -5.65 19.42 -7.51
CA LYS A 76 -7.02 19.26 -8.00
C LYS A 76 -7.63 18.01 -7.40
N VAL A 77 -8.92 18.05 -7.13
CA VAL A 77 -9.66 16.83 -6.79
C VAL A 77 -10.70 16.59 -7.89
N ILE A 78 -10.67 15.40 -8.52
CA ILE A 78 -11.44 15.09 -9.72
C ILE A 78 -12.42 13.97 -9.41
N ASP A 79 -13.70 14.18 -9.73
CA ASP A 79 -14.69 13.11 -9.61
C ASP A 79 -14.49 12.11 -10.77
N LEU A 80 -14.43 10.83 -10.43
CA LEU A 80 -14.08 9.80 -11.41
C LEU A 80 -15.33 9.18 -12.01
N PRO A 81 -15.38 9.02 -13.34
CA PRO A 81 -16.49 8.27 -13.93
C PRO A 81 -16.58 6.90 -13.29
N GLY A 82 -17.79 6.56 -12.85
CA GLY A 82 -18.05 5.33 -12.16
C GLY A 82 -17.91 5.38 -10.66
N GLY A 83 -17.63 6.55 -10.08
CA GLY A 83 -17.61 6.67 -8.64
C GLY A 83 -16.21 6.89 -8.12
N GLY A 84 -16.11 7.63 -7.01
CA GLY A 84 -14.82 7.90 -6.44
C GLY A 84 -14.17 9.15 -7.03
N ALA A 85 -12.86 9.25 -6.81
CA ALA A 85 -12.15 10.48 -7.14
C ALA A 85 -10.65 10.22 -7.22
N ALA A 86 -9.96 11.14 -7.89
CA ALA A 86 -8.52 11.25 -7.93
C ALA A 86 -8.13 12.57 -7.28
N PHE A 87 -6.95 12.61 -6.67
CA PHE A 87 -6.41 13.80 -6.03
C PHE A 87 -5.03 14.03 -6.58
N VAL A 88 -4.83 15.15 -7.25
CA VAL A 88 -3.57 15.50 -7.88
C VAL A 88 -2.85 16.51 -7.00
N MET A 89 -1.57 16.24 -6.77
CA MET A 89 -0.76 17.20 -6.02
C MET A 89 0.61 17.27 -6.68
N GLU A 90 1.35 18.31 -6.29
CA GLU A 90 2.71 18.49 -6.73
C GLU A 90 3.56 17.26 -6.39
N HIS A 91 4.45 16.90 -7.30
CA HIS A 91 5.39 15.84 -7.03
C HIS A 91 6.68 16.42 -6.48
N LEU A 92 7.23 15.77 -5.47
CA LEU A 92 8.49 16.15 -4.84
C LEU A 92 9.42 14.96 -4.98
N LYS A 93 10.63 15.21 -5.50
CA LYS A 93 11.69 14.20 -5.48
C LYS A 93 12.14 14.04 -4.05
N MET A 94 12.08 12.83 -3.49
CA MET A 94 12.21 12.69 -2.03
C MET A 94 12.98 11.42 -1.69
N LYS A 95 13.67 11.46 -0.56
CA LYS A 95 14.37 10.31 0.05
C LYS A 95 13.95 10.19 1.51
N SER A 96 14.28 9.05 2.12
CA SER A 96 13.88 8.84 3.50
C SER A 96 14.52 9.91 4.40
N LEU A 97 13.82 10.23 5.47
CA LEU A 97 14.31 11.25 6.38
C LEU A 97 15.57 10.74 7.08
N SER A 98 16.66 11.49 6.96
CA SER A 98 17.90 11.14 7.65
C SER A 98 18.65 12.41 7.99
N SER A 99 19.37 12.99 7.04
CA SER A 99 20.15 14.19 7.38
C SER A 99 19.28 15.36 7.87
N GLN A 100 18.02 15.43 7.46
CA GLN A 100 17.17 16.56 7.83
C GLN A 100 16.33 16.28 9.08
N ALA A 101 16.64 15.21 9.83
CA ALA A 101 15.78 14.83 10.95
C ALA A 101 15.74 15.90 12.03
N SER A 102 16.90 16.49 12.37
CA SER A 102 16.85 17.47 13.46
C SER A 102 16.13 18.75 13.01
N LYS A 103 16.28 19.14 11.74
CA LYS A 103 15.51 20.23 11.20
C LYS A 103 14.01 19.96 11.26
N LEU A 104 13.60 18.75 10.90
CA LEU A 104 12.18 18.44 10.99
C LEU A 104 11.69 18.48 12.45
N GLY A 105 12.51 18.01 13.39
CA GLY A 105 12.10 18.12 14.81
C GLY A 105 11.83 19.55 15.21
N GLU A 106 12.73 20.48 14.77
CA GLU A 106 12.52 21.90 15.03
C GLU A 106 11.23 22.42 14.40
N GLN A 107 10.98 22.05 13.13
CA GLN A 107 9.78 22.55 12.45
C GLN A 107 8.51 22.03 13.12
N MET A 108 8.49 20.75 13.47
CA MET A 108 7.32 20.14 14.10
C MET A 108 7.03 20.78 15.45
N ALA A 109 8.08 21.10 16.23
CA ALA A 109 7.82 21.84 17.49
C ALA A 109 7.25 23.22 17.20
N ASP A 110 7.83 23.94 16.21
CA ASP A 110 7.28 25.24 15.86
C ASP A 110 5.84 25.11 15.40
N LEU A 111 5.55 24.06 14.60
CA LEU A 111 4.16 23.84 14.17
C LEU A 111 3.23 23.72 15.37
N HIS A 112 3.62 22.91 16.33
CA HIS A 112 2.76 22.72 17.49
C HIS A 112 2.63 23.99 18.32
N LEU A 113 3.66 24.84 18.34
CA LEU A 113 3.57 26.12 19.08
C LEU A 113 2.86 27.24 18.31
N TYR A 114 2.65 27.05 17.01
CA TYR A 114 2.15 28.12 16.16
C TYR A 114 0.78 28.67 16.59
N ASN A 115 -0.15 27.79 16.95
CA ASN A 115 -1.50 28.26 17.29
C ASN A 115 -1.51 29.11 18.55
N GLN A 116 -0.83 28.63 19.57
CA GLN A 116 -0.75 29.32 20.85
C GLN A 116 -0.07 30.68 20.71
N LYS A 117 0.93 30.78 19.84
CA LYS A 117 1.77 31.96 19.77
C LYS A 117 1.35 32.99 18.72
N GLY A 118 0.56 32.61 17.73
CA GLY A 118 0.16 33.52 16.67
C GLY A 118 -0.98 34.45 17.06
N SER A 119 -1.48 35.17 16.04
CA SER A 119 -2.55 36.15 16.24
C SER A 119 -3.93 35.51 16.39
N SER A 120 -4.33 34.72 15.38
CA SER A 120 -5.64 34.09 15.38
C SER A 120 -5.49 32.75 16.08
N TYR A 121 -6.24 32.57 17.14
CA TYR A 121 -6.01 31.51 18.11
C TYR A 121 -7.21 30.59 18.07
N VAL A 122 -6.96 29.34 17.72
CA VAL A 122 -7.99 28.32 17.73
C VAL A 122 -8.07 27.80 19.16
N ASP A 123 -9.22 27.99 19.82
CA ASP A 123 -9.26 27.75 21.26
C ASP A 123 -9.99 26.46 21.62
N LYS A 124 -10.18 25.55 20.68
CA LYS A 124 -10.81 24.29 21.01
C LYS A 124 -10.04 23.17 20.30
N PHE A 125 -10.32 21.95 20.68
CA PHE A 125 -9.69 20.78 20.03
C PHE A 125 -10.67 20.27 18.98
N GLY A 126 -10.13 19.82 17.82
CA GLY A 126 -10.94 19.40 16.69
C GLY A 126 -10.52 20.11 15.42
N PHE A 127 -11.45 20.29 14.47
CA PHE A 127 -11.09 20.80 13.17
C PHE A 127 -12.35 21.23 12.45
N HIS A 128 -12.20 22.07 11.45
CA HIS A 128 -13.37 22.62 10.79
C HIS A 128 -13.98 21.68 9.76
N THR A 129 -13.32 20.55 9.48
CA THR A 129 -13.85 19.60 8.51
C THR A 129 -13.38 18.19 8.89
N VAL A 130 -14.02 17.20 8.27
CA VAL A 130 -13.67 15.81 8.50
C VAL A 130 -12.31 15.53 7.87
N THR A 131 -11.41 14.85 8.61
CA THR A 131 -10.16 14.33 8.05
C THR A 131 -10.08 12.83 8.35
N CYS A 132 -9.39 12.05 7.49
CA CYS A 132 -9.25 10.61 7.66
C CYS A 132 -7.82 10.28 8.06
N CYS A 133 -7.66 9.47 9.11
CA CYS A 133 -6.35 8.89 9.45
C CYS A 133 -6.32 7.55 8.73
N GLY A 134 -5.70 7.52 7.54
CA GLY A 134 -5.88 6.38 6.65
C GLY A 134 -7.21 6.49 5.91
N PHE A 135 -8.04 5.47 5.98
CA PHE A 135 -9.29 5.43 5.24
C PHE A 135 -10.54 5.78 6.07
N ILE A 136 -10.50 5.72 7.40
CA ILE A 136 -11.70 5.89 8.23
C ILE A 136 -11.91 7.36 8.55
N PRO A 137 -13.07 7.93 8.22
CA PRO A 137 -13.36 9.33 8.53
C PRO A 137 -13.41 9.54 10.02
N GLN A 138 -12.93 10.68 10.47
CA GLN A 138 -12.98 10.99 11.90
C GLN A 138 -13.97 12.09 12.19
N VAL A 139 -14.53 12.10 13.39
CA VAL A 139 -15.30 13.24 13.83
C VAL A 139 -14.33 14.22 14.48
N ASN A 140 -14.41 15.47 14.03
CA ASN A 140 -13.58 16.57 14.48
C ASN A 140 -14.38 17.67 15.17
N GLU A 141 -15.57 17.34 15.67
CA GLU A 141 -16.45 18.30 16.34
C GLU A 141 -15.68 19.04 17.44
N TRP A 142 -15.75 20.37 17.43
CA TRP A 142 -14.95 21.15 18.37
C TRP A 142 -15.31 20.85 19.82
N GLN A 143 -14.28 20.74 20.68
CA GLN A 143 -14.52 20.51 22.10
C GLN A 143 -13.54 21.37 22.90
N ASP A 144 -14.02 21.94 24.02
CA ASP A 144 -13.15 22.73 24.86
C ASP A 144 -12.12 21.91 25.58
N ASP A 145 -12.41 20.68 25.90
CA ASP A 145 -11.60 19.85 26.78
C ASP A 145 -10.92 18.75 25.94
N TRP A 146 -9.57 18.70 25.96
CA TRP A 146 -8.85 17.67 25.20
C TRP A 146 -9.14 16.25 25.68
N PRO A 147 -9.08 15.91 26.97
CA PRO A 147 -9.39 14.52 27.31
C PRO A 147 -10.79 14.11 26.86
N THR A 148 -11.76 15.03 26.88
CA THR A 148 -13.09 14.71 26.36
C THR A 148 -13.05 14.47 24.86
N PHE A 149 -12.44 15.39 24.12
CA PHE A 149 -12.32 15.20 22.67
C PHE A 149 -11.68 13.87 22.36
N PHE A 150 -10.53 13.59 22.98
CA PHE A 150 -9.80 12.37 22.65
C PHE A 150 -10.56 11.11 23.07
N ALA A 151 -11.16 11.12 24.27
CA ALA A 151 -11.86 9.91 24.66
C ALA A 151 -13.05 9.66 23.75
N ARG A 152 -13.79 10.72 23.41
CA ARG A 152 -15.05 10.55 22.68
C ARG A 152 -14.82 10.35 21.17
N HIS A 153 -14.07 11.25 20.56
CA HIS A 153 -13.93 11.28 19.10
C HIS A 153 -12.71 10.57 18.52
N ARG A 154 -11.90 9.93 19.36
CA ARG A 154 -10.78 9.11 18.94
C ARG A 154 -10.92 7.74 19.57
N LEU A 155 -10.79 7.60 20.88
CA LEU A 155 -10.79 6.24 21.45
C LEU A 155 -12.19 5.56 21.35
N GLN A 156 -13.24 6.26 21.77
CA GLN A 156 -14.57 5.65 21.76
C GLN A 156 -15.05 5.37 20.34
N ALA A 157 -14.77 6.27 19.40
CA ALA A 157 -15.10 6.04 18.01
C ALA A 157 -14.44 4.75 17.49
N GLN A 158 -13.14 4.55 17.80
CA GLN A 158 -12.44 3.36 17.35
C GLN A 158 -13.02 2.14 18.05
N LEU A 159 -13.32 2.25 19.33
CA LEU A 159 -13.82 1.08 20.02
C LEU A 159 -15.25 0.73 19.61
N ASP A 160 -16.06 1.72 19.23
CA ASP A 160 -17.40 1.46 18.73
C ASP A 160 -17.32 0.68 17.42
N LEU A 161 -16.39 1.07 16.54
CA LEU A 161 -16.20 0.27 15.33
C LEU A 161 -15.75 -1.14 15.65
N ILE A 162 -14.81 -1.29 16.60
CA ILE A 162 -14.37 -2.61 16.97
C ILE A 162 -15.53 -3.42 17.54
N GLU A 163 -16.41 -2.79 18.34
CA GLU A 163 -17.56 -3.52 18.87
C GLU A 163 -18.51 -3.94 17.73
N LYS A 164 -18.80 -3.01 16.83
CA LYS A 164 -19.68 -3.29 15.70
C LYS A 164 -19.17 -4.45 14.86
N ASP A 165 -17.88 -4.42 14.49
CA ASP A 165 -17.35 -5.39 13.55
C ASP A 165 -16.80 -6.64 14.18
N TYR A 166 -16.34 -6.60 15.41
CA TYR A 166 -15.72 -7.75 16.01
C TYR A 166 -16.41 -8.25 17.25
N ALA A 167 -17.29 -7.43 17.88
CA ALA A 167 -17.94 -7.76 19.15
C ALA A 167 -16.95 -8.33 20.15
N ASP A 168 -15.84 -7.60 20.34
CA ASP A 168 -14.76 -8.12 21.15
C ASP A 168 -15.02 -7.84 22.63
N ARG A 169 -15.20 -8.93 23.41
CA ARG A 169 -15.55 -8.84 24.82
C ARG A 169 -14.45 -8.17 25.63
N GLU A 170 -13.19 -8.57 25.38
CA GLU A 170 -12.08 -8.03 26.14
C GLU A 170 -11.92 -6.53 25.92
N ALA A 171 -12.01 -6.09 24.66
CA ALA A 171 -11.90 -4.65 24.37
C ALA A 171 -12.98 -3.87 25.10
N ARG A 172 -14.21 -4.39 25.07
CA ARG A 172 -15.34 -3.77 25.75
C ARG A 172 -15.10 -3.61 27.26
N GLU A 173 -14.68 -4.68 27.90
CA GLU A 173 -14.54 -4.63 29.35
C GLU A 173 -13.35 -3.77 29.74
N LEU A 174 -12.22 -3.93 29.00
CA LEU A 174 -11.08 -3.08 29.32
C LEU A 174 -11.42 -1.60 29.12
N TRP A 175 -12.18 -1.25 28.08
CA TRP A 175 -12.57 0.15 27.92
C TRP A 175 -13.45 0.64 29.06
N SER A 176 -14.41 -0.18 29.53
CA SER A 176 -15.21 0.28 30.67
C SER A 176 -14.31 0.65 31.84
N ARG A 177 -13.27 -0.14 32.10
CA ARG A 177 -12.34 0.21 33.20
C ARG A 177 -11.42 1.40 32.88
N LEU A 178 -10.92 1.51 31.65
CA LEU A 178 -9.90 2.52 31.32
C LEU A 178 -10.47 3.93 31.27
N GLN A 179 -11.69 4.03 30.79
CA GLN A 179 -12.28 5.30 30.47
C GLN A 179 -12.23 6.26 31.63
N VAL A 180 -12.56 5.75 32.83
CA VAL A 180 -12.58 6.60 34.02
C VAL A 180 -11.19 7.00 34.47
N LYS A 181 -10.14 6.22 34.13
CA LYS A 181 -8.80 6.53 34.57
C LYS A 181 -8.16 7.64 33.76
N ILE A 182 -8.67 7.90 32.56
CA ILE A 182 -8.01 8.86 31.65
C ILE A 182 -7.74 10.24 32.28
N PRO A 183 -8.69 10.91 32.93
CA PRO A 183 -8.40 12.26 33.49
C PRO A 183 -7.19 12.29 34.42
N ASP A 184 -6.85 11.19 35.09
CA ASP A 184 -5.67 11.19 35.95
C ASP A 184 -4.39 11.50 35.18
N LEU A 185 -4.36 11.19 33.88
CA LEU A 185 -3.15 11.44 33.13
C LEU A 185 -2.99 12.89 32.75
N PHE A 186 -4.02 13.69 32.94
CA PHE A 186 -4.05 15.08 32.50
C PHE A 186 -4.20 16.07 33.62
N CYS A 187 -4.42 15.62 34.86
CA CYS A 187 -4.60 16.62 35.90
C CYS A 187 -3.30 17.41 36.19
N GLY A 188 -3.50 18.68 36.55
CA GLY A 188 -2.39 19.60 36.89
C GLY A 188 -1.54 20.08 35.74
N LEU A 189 -2.02 19.93 34.49
CA LEU A 189 -1.32 20.34 33.26
C LEU A 189 -2.21 21.24 32.43
N GLU A 190 -1.58 22.22 31.79
CA GLU A 190 -2.25 23.09 30.85
C GLU A 190 -2.09 22.44 29.46
N ILE A 191 -3.21 22.17 28.79
CA ILE A 191 -3.17 21.64 27.39
C ILE A 191 -3.78 22.67 26.43
N VAL A 192 -2.98 23.14 25.50
CA VAL A 192 -3.35 24.18 24.53
C VAL A 192 -3.57 23.48 23.20
N PRO A 193 -4.57 23.85 22.42
CA PRO A 193 -4.71 23.24 21.07
C PRO A 193 -3.50 23.52 20.22
N ALA A 194 -3.03 22.47 19.53
CA ALA A 194 -1.86 22.55 18.67
C ALA A 194 -2.24 21.92 17.31
N LEU A 195 -1.93 22.63 16.23
CA LEU A 195 -2.20 22.09 14.89
C LEU A 195 -1.28 20.90 14.67
N LEU A 196 -1.89 19.74 14.34
CA LEU A 196 -1.12 18.51 14.14
C LEU A 196 -1.16 18.05 12.68
N HIS A 197 -0.02 17.53 12.21
CA HIS A 197 -0.04 16.74 10.98
C HIS A 197 -1.07 15.61 11.10
N GLY A 198 -1.05 14.86 12.22
CA GLY A 198 -2.08 13.89 12.57
C GLY A 198 -1.76 12.43 12.21
N ASP A 199 -0.75 12.20 11.40
CA ASP A 199 -0.40 10.85 10.97
C ASP A 199 1.09 10.76 10.68
N LEU A 200 1.90 11.18 11.65
CA LEU A 200 3.33 11.42 11.37
C LEU A 200 4.15 10.15 11.56
N TRP A 201 3.74 9.07 10.89
CA TRP A 201 4.67 7.97 10.99
C TRP A 201 5.80 8.11 9.96
N SER A 202 6.82 7.26 10.11
CA SER A 202 8.04 7.46 9.35
C SER A 202 7.77 7.38 7.85
N GLY A 203 6.72 6.63 7.45
CA GLY A 203 6.35 6.48 6.04
C GLY A 203 5.71 7.72 5.44
N ASN A 204 5.37 8.76 6.27
CA ASN A 204 4.79 10.01 5.78
C ASN A 204 5.71 11.21 5.88
N VAL A 205 7.01 11.01 6.07
CA VAL A 205 7.99 12.08 6.14
C VAL A 205 9.17 11.66 5.26
N ALA A 206 9.90 12.64 4.77
CA ALA A 206 10.94 12.43 3.77
C ALA A 206 11.80 13.67 3.74
N GLU A 207 12.71 13.74 2.76
CA GLU A 207 13.51 14.94 2.64
C GLU A 207 14.03 15.04 1.22
N ASP A 208 14.47 16.24 0.86
CA ASP A 208 15.22 16.43 -0.38
C ASP A 208 16.45 17.28 -0.05
N ASP A 209 17.04 17.88 -1.09
CA ASP A 209 18.25 18.67 -0.88
C ASP A 209 17.99 19.94 -0.08
N VAL A 210 16.77 20.48 -0.10
CA VAL A 210 16.42 21.73 0.57
C VAL A 210 16.07 21.53 2.05
N GLY A 211 15.42 20.42 2.39
CA GLY A 211 15.00 20.22 3.75
C GLY A 211 14.03 19.06 3.83
N PRO A 212 13.42 18.88 5.00
CA PRO A 212 12.50 17.76 5.20
C PRO A 212 11.16 18.07 4.56
N ILE A 213 10.39 17.03 4.32
CA ILE A 213 9.06 17.16 3.74
C ILE A 213 8.11 16.25 4.49
N ILE A 214 6.83 16.68 4.71
CA ILE A 214 5.89 15.75 5.33
C ILE A 214 4.66 15.77 4.46
N TYR A 215 3.90 14.67 4.50
CA TYR A 215 2.77 14.52 3.58
C TYR A 215 1.76 13.51 4.14
N ASP A 216 0.66 13.31 3.37
CA ASP A 216 -0.43 12.45 3.82
C ASP A 216 -0.97 12.87 5.20
N PRO A 217 -1.20 14.14 5.47
CA PRO A 217 -1.71 14.50 6.79
C PRO A 217 -3.18 14.13 7.01
N ALA A 218 -3.56 14.08 8.32
CA ALA A 218 -4.92 13.85 8.80
C ALA A 218 -5.10 14.87 9.95
N SER A 219 -5.18 16.15 9.58
CA SER A 219 -4.91 17.18 10.61
C SER A 219 -6.10 17.45 11.52
N PHE A 220 -5.77 18.02 12.71
CA PHE A 220 -6.76 18.51 13.65
C PHE A 220 -5.96 19.26 14.71
N TYR A 221 -6.68 19.95 15.57
CA TYR A 221 -6.08 20.63 16.74
C TYR A 221 -6.19 19.67 17.92
N GLY A 222 -5.02 19.25 18.43
CA GLY A 222 -4.95 18.26 19.48
C GLY A 222 -3.89 18.64 20.51
N HIS A 223 -3.62 17.73 21.45
CA HIS A 223 -2.47 17.87 22.35
C HIS A 223 -1.22 17.58 21.52
N SER A 224 -0.23 18.50 21.55
CA SER A 224 1.00 18.31 20.78
C SER A 224 1.59 16.89 20.93
N GLU A 225 1.53 16.32 22.15
CA GLU A 225 2.20 15.03 22.34
C GLU A 225 1.61 13.92 21.46
N PHE A 226 0.35 14.03 21.13
CA PHE A 226 -0.27 12.99 20.30
C PHE A 226 0.51 12.78 19.02
N GLU A 227 1.03 13.88 18.43
CA GLU A 227 1.79 13.75 17.18
C GLU A 227 2.84 12.69 17.26
N LEU A 228 3.58 12.66 18.39
CA LEU A 228 4.77 11.81 18.47
C LEU A 228 4.46 10.32 18.66
N ALA A 229 3.22 9.96 19.04
CA ALA A 229 2.99 8.57 19.43
C ALA A 229 3.27 7.62 18.26
N ILE A 230 2.70 7.95 17.10
CA ILE A 230 2.86 7.06 15.97
C ILE A 230 4.31 7.09 15.48
N ALA A 231 5.00 8.25 15.60
CA ALA A 231 6.40 8.35 15.21
C ALA A 231 7.23 7.40 16.05
N LEU A 232 6.95 7.35 17.33
CA LEU A 232 7.72 6.49 18.21
C LEU A 232 7.34 5.05 18.00
N MET A 233 6.06 4.80 17.81
CA MET A 233 5.69 3.42 18.04
C MET A 233 6.09 2.53 16.85
N PHE A 234 6.21 3.08 15.64
CA PHE A 234 6.64 2.27 14.50
C PHE A 234 8.09 2.56 14.08
N GLY A 235 8.76 3.42 14.82
CA GLY A 235 10.15 3.73 14.62
C GLY A 235 10.38 4.43 13.31
N GLY A 236 11.64 4.43 12.89
CA GLY A 236 12.04 5.01 11.63
C GLY A 236 12.53 6.43 11.67
N PHE A 237 12.35 7.20 12.81
CA PHE A 237 12.87 8.55 12.97
C PHE A 237 14.23 8.50 13.67
N PRO A 238 15.23 9.18 13.13
CA PRO A 238 16.49 9.37 13.88
C PRO A 238 16.26 10.00 15.25
N ARG A 239 17.09 9.60 16.21
CA ARG A 239 17.04 10.19 17.56
C ARG A 239 17.09 11.70 17.53
N SER A 240 17.88 12.27 16.59
CA SER A 240 18.04 13.72 16.54
C SER A 240 16.72 14.43 16.24
N PHE A 241 15.77 13.76 15.56
CA PHE A 241 14.44 14.34 15.43
C PHE A 241 13.83 14.65 16.80
N PHE A 242 13.83 13.66 17.70
CA PHE A 242 13.20 13.86 19.00
C PHE A 242 14.02 14.78 19.87
N THR A 243 15.36 14.70 19.80
CA THR A 243 16.20 15.62 20.55
C THR A 243 15.88 17.07 20.18
N ALA A 244 15.86 17.37 18.87
CA ALA A 244 15.56 18.73 18.48
C ALA A 244 14.15 19.14 18.89
N TYR A 245 13.19 18.23 18.74
CA TYR A 245 11.81 18.56 19.10
C TYR A 245 11.70 18.93 20.60
N HIS A 246 12.26 18.11 21.46
CA HIS A 246 12.10 18.27 22.90
C HIS A 246 12.99 19.35 23.48
N ARG A 247 13.99 19.84 22.70
CA ARG A 247 14.62 21.10 23.11
C ARG A 247 13.65 22.25 23.10
N LYS A 248 12.66 22.23 22.20
CA LYS A 248 11.69 23.30 22.18
C LYS A 248 10.43 23.02 22.96
N ILE A 249 9.99 21.76 22.97
CA ILE A 249 8.83 21.39 23.79
C ILE A 249 9.28 20.23 24.66
N PRO A 250 9.77 20.46 25.86
CA PRO A 250 10.20 19.35 26.71
C PRO A 250 9.05 18.45 27.08
N LYS A 251 9.38 17.19 27.37
CA LYS A 251 8.37 16.22 27.83
C LYS A 251 7.77 16.69 29.13
N ALA A 252 6.48 16.94 29.14
CA ALA A 252 5.82 17.33 30.37
C ALA A 252 5.65 16.13 31.32
N PRO A 253 5.45 16.42 32.62
CA PRO A 253 5.26 15.34 33.58
C PRO A 253 4.16 14.42 33.09
N GLY A 254 4.38 13.11 33.25
CA GLY A 254 3.40 12.11 32.82
C GLY A 254 3.47 11.76 31.33
N PHE A 255 4.47 12.29 30.60
CA PHE A 255 4.61 12.03 29.15
C PHE A 255 4.54 10.51 28.79
N ASP A 256 5.30 9.66 29.49
CA ASP A 256 5.34 8.24 29.08
C ASP A 256 3.98 7.51 29.24
N GLN A 257 3.19 7.91 30.22
CA GLN A 257 1.88 7.26 30.34
C GLN A 257 0.89 7.75 29.29
N ARG A 258 0.87 9.09 29.05
CA ARG A 258 0.04 9.59 27.96
C ARG A 258 0.50 8.98 26.65
N LEU A 259 1.80 8.73 26.53
CA LEU A 259 2.30 8.14 25.28
C LEU A 259 1.60 6.79 25.04
N LEU A 260 1.43 6.00 26.11
CA LEU A 260 0.68 4.74 25.93
C LEU A 260 -0.74 4.97 25.46
N LEU A 261 -1.40 5.99 26.01
CA LEU A 261 -2.79 6.25 25.60
C LEU A 261 -2.88 6.60 24.14
N TYR A 262 -1.93 7.43 23.66
CA TYR A 262 -1.95 7.88 22.26
C TYR A 262 -1.56 6.73 21.32
N GLN A 263 -0.62 5.90 21.76
CA GLN A 263 -0.27 4.70 21.01
C GLN A 263 -1.45 3.72 20.95
N LEU A 264 -2.25 3.62 22.04
CA LEU A 264 -3.49 2.84 22.04
C LEU A 264 -4.40 3.28 20.91
N PHE A 265 -4.64 4.59 20.79
CA PHE A 265 -5.45 5.03 19.65
C PHE A 265 -4.94 4.47 18.32
N ASN A 266 -3.60 4.56 18.09
CA ASN A 266 -3.07 4.14 16.80
C ASN A 266 -3.19 2.62 16.61
N TYR A 267 -3.00 1.85 17.70
CA TYR A 267 -3.23 0.39 17.63
C TYR A 267 -4.68 0.05 17.31
N LEU A 268 -5.65 0.76 17.91
CA LEU A 268 -7.07 0.54 17.61
C LEU A 268 -7.39 0.86 16.17
N ASN A 269 -6.82 1.97 15.69
CA ASN A 269 -6.98 2.35 14.28
C ASN A 269 -6.39 1.29 13.34
N HIS A 270 -5.28 0.68 13.74
CA HIS A 270 -4.66 -0.37 12.93
C HIS A 270 -5.48 -1.65 12.95
N TRP A 271 -6.07 -1.99 14.09
CA TRP A 271 -7.03 -3.09 14.17
C TRP A 271 -8.22 -2.87 13.25
N ASN A 272 -8.82 -1.66 13.26
CA ASN A 272 -9.95 -1.40 12.36
C ASN A 272 -9.50 -1.40 10.88
N HIS A 273 -8.27 -1.00 10.59
CA HIS A 273 -7.82 -1.00 9.19
C HIS A 273 -7.39 -2.39 8.70
N PHE A 274 -6.67 -3.14 9.50
CA PHE A 274 -5.91 -4.31 9.08
C PHE A 274 -6.28 -5.58 9.83
N GLY A 275 -7.22 -5.53 10.77
CA GLY A 275 -7.71 -6.74 11.42
C GLY A 275 -6.96 -7.15 12.69
N ARG A 276 -7.14 -8.42 13.04
CA ARG A 276 -6.83 -8.91 14.37
C ARG A 276 -5.33 -9.02 14.66
N GLU A 277 -4.44 -8.87 13.67
CA GLU A 277 -3.03 -8.78 14.00
C GLU A 277 -2.82 -7.66 15.04
N TYR A 278 -3.71 -6.67 15.06
CA TYR A 278 -3.51 -5.57 16.02
C TYR A 278 -4.37 -5.68 17.28
N ARG A 279 -5.09 -6.79 17.46
CA ARG A 279 -5.87 -6.96 18.70
C ARG A 279 -4.95 -7.07 19.92
N SER A 280 -3.88 -7.86 19.78
CA SER A 280 -2.97 -8.11 20.89
C SER A 280 -2.35 -6.83 21.43
N PRO A 281 -1.77 -5.94 20.59
CA PRO A 281 -1.19 -4.67 21.13
C PRO A 281 -2.23 -3.74 21.67
N SER A 282 -3.43 -3.73 21.07
CA SER A 282 -4.50 -2.87 21.58
C SER A 282 -4.87 -3.27 23.00
N LEU A 283 -5.22 -4.54 23.19
CA LEU A 283 -5.63 -4.99 24.53
C LEU A 283 -4.48 -4.87 25.54
N GLY A 284 -3.29 -5.27 25.13
CA GLY A 284 -2.13 -5.17 25.99
C GLY A 284 -1.83 -3.74 26.37
N THR A 285 -2.02 -2.80 25.42
CA THR A 285 -1.80 -1.42 25.83
C THR A 285 -2.82 -0.99 26.85
N MET A 286 -4.08 -1.42 26.66
CA MET A 286 -5.05 -1.08 27.67
C MET A 286 -4.68 -1.71 29.01
N ARG A 287 -4.19 -2.95 29.00
CA ARG A 287 -3.83 -3.56 30.28
C ARG A 287 -2.68 -2.80 30.93
N ARG A 288 -1.75 -2.28 30.12
N ARG A 288 -1.72 -2.30 30.13
CA ARG A 288 -0.60 -1.59 30.71
CA ARG A 288 -0.61 -1.57 30.72
C ARG A 288 -1.06 -0.30 31.38
C ARG A 288 -1.12 -0.34 31.43
N LEU A 289 -2.05 0.36 30.78
CA LEU A 289 -2.62 1.58 31.32
C LEU A 289 -3.43 1.30 32.58
N LEU A 290 -3.88 0.06 32.79
CA LEU A 290 -4.73 -0.25 33.94
C LEU A 290 -3.95 -0.80 35.13
N LYS A 291 -2.65 -1.05 34.97
CA LYS A 291 -1.84 -1.69 35.99
C LYS A 291 -1.49 -0.67 37.07
N ALA B 1 -9.75 6.72 -20.36
CA ALA B 1 -9.54 6.25 -19.00
C ALA B 1 -8.79 7.31 -18.17
N MET B 2 -8.08 6.88 -17.13
CA MET B 2 -7.57 7.82 -16.13
C MET B 2 -6.60 8.80 -16.76
N GLU B 3 -5.76 8.32 -17.67
CA GLU B 3 -4.74 9.16 -18.25
C GLU B 3 -5.32 10.24 -19.17
N GLN B 4 -6.37 9.92 -19.93
CA GLN B 4 -7.00 10.97 -20.72
C GLN B 4 -7.68 12.01 -19.82
N LEU B 5 -8.27 11.55 -18.72
CA LEU B 5 -8.88 12.49 -17.79
C LEU B 5 -7.84 13.44 -17.21
N LEU B 6 -6.67 12.91 -16.83
CA LEU B 6 -5.60 13.72 -16.27
C LEU B 6 -5.11 14.73 -17.28
N ARG B 7 -4.88 14.27 -18.54
CA ARG B 7 -4.43 15.22 -19.54
C ARG B 7 -5.41 16.37 -19.68
N ALA B 8 -6.71 16.06 -19.66
CA ALA B 8 -7.72 17.11 -19.81
C ALA B 8 -7.81 18.02 -18.60
N GLU B 9 -7.87 17.42 -17.40
CA GLU B 9 -8.03 18.21 -16.19
C GLU B 9 -6.83 19.10 -15.93
N LEU B 10 -5.63 18.61 -16.24
CA LEU B 10 -4.40 19.35 -16.02
C LEU B 10 -3.97 20.16 -17.22
N ARG B 11 -4.64 19.98 -18.37
CA ARG B 11 -4.33 20.76 -19.57
C ARG B 11 -2.87 20.61 -19.95
N THR B 12 -2.43 19.37 -20.07
CA THR B 12 -1.05 19.02 -20.39
C THR B 12 -1.01 18.15 -21.64
N ALA B 13 -0.04 18.41 -22.53
CA ALA B 13 0.12 17.55 -23.70
C ALA B 13 0.76 16.22 -23.33
N THR B 14 1.80 16.23 -22.48
CA THR B 14 2.48 14.99 -22.09
C THR B 14 1.95 14.47 -20.76
N LEU B 15 2.08 13.16 -20.59
CA LEU B 15 1.70 12.55 -19.34
C LEU B 15 2.34 11.18 -19.22
N ARG B 16 3.61 11.11 -18.81
CA ARG B 16 4.35 9.87 -18.79
C ARG B 16 4.44 9.33 -17.36
N ALA B 17 3.83 8.18 -17.10
CA ALA B 17 3.90 7.57 -15.78
C ALA B 17 5.33 7.20 -15.40
N PHE B 18 5.62 7.24 -14.09
CA PHE B 18 6.90 6.73 -13.60
C PHE B 18 6.92 5.21 -13.71
N GLY B 19 8.12 4.65 -13.91
CA GLY B 19 8.28 3.20 -13.93
C GLY B 19 9.65 2.53 -13.81
N ALA B 23 11.28 1.00 -2.92
CA ALA B 23 10.41 0.93 -4.10
C ALA B 23 9.33 -0.14 -3.95
N GLY B 24 8.10 0.32 -3.73
CA GLY B 24 6.91 -0.51 -3.68
C GLY B 24 6.32 -0.71 -2.29
N CYS B 25 5.24 -1.49 -2.27
CA CYS B 25 4.43 -1.68 -1.07
C CYS B 25 4.96 -2.82 -0.23
N ILE B 26 5.75 -3.71 -0.85
CA ILE B 26 6.14 -5.02 -0.33
C ILE B 26 7.56 -4.96 0.17
N SER B 27 8.49 -4.64 -0.72
CA SER B 27 9.91 -4.65 -0.41
C SER B 27 10.52 -3.30 -0.74
N GLU B 28 11.67 -3.02 -0.10
CA GLU B 28 12.47 -1.84 -0.43
C GLU B 28 13.31 -2.20 -1.65
N GLY B 29 13.46 -1.28 -2.59
CA GLY B 29 14.24 -1.61 -3.77
C GLY B 29 15.21 -0.52 -4.18
N ARG B 30 16.46 -0.88 -4.50
CA ARG B 30 17.46 0.14 -4.77
C ARG B 30 18.44 -0.40 -5.78
N ALA B 31 18.87 0.46 -6.70
CA ALA B 31 19.88 0.09 -7.66
C ALA B 31 21.23 0.54 -7.14
N TYR B 32 22.22 -0.26 -7.42
CA TYR B 32 23.58 0.03 -7.01
C TYR B 32 24.54 -0.22 -8.17
N ASP B 33 25.51 0.68 -8.34
CA ASP B 33 26.62 0.33 -9.20
C ASP B 33 27.67 -0.46 -8.42
N THR B 34 28.24 -1.47 -9.06
CA THR B 34 29.23 -2.35 -8.48
C THR B 34 30.40 -2.48 -9.45
N ASP B 35 31.45 -3.19 -9.00
CA ASP B 35 32.64 -3.36 -9.83
C ASP B 35 32.32 -4.04 -11.15
N ALA B 36 31.35 -4.95 -11.16
CA ALA B 36 30.91 -5.65 -12.37
C ALA B 36 29.69 -5.03 -13.03
N GLY B 37 29.38 -3.76 -12.72
CA GLY B 37 28.19 -3.13 -13.30
C GLY B 37 27.01 -2.99 -12.35
N PRO B 38 25.87 -2.50 -12.86
CA PRO B 38 24.73 -2.22 -11.97
C PRO B 38 23.95 -3.48 -11.61
N VAL B 39 23.34 -3.44 -10.43
CA VAL B 39 22.43 -4.50 -9.95
C VAL B 39 21.23 -3.80 -9.33
N PHE B 40 20.14 -4.54 -9.17
CA PHE B 40 18.96 -4.07 -8.45
C PHE B 40 18.71 -4.97 -7.24
N VAL B 41 18.42 -4.38 -6.08
CA VAL B 41 18.35 -5.14 -4.85
C VAL B 41 17.03 -4.85 -4.20
N LYS B 42 16.27 -5.89 -3.91
CA LYS B 42 15.05 -5.88 -3.08
C LYS B 42 15.37 -6.35 -1.66
N VAL B 43 14.81 -5.68 -0.67
CA VAL B 43 15.08 -6.03 0.72
C VAL B 43 13.72 -6.18 1.40
N ASN B 44 13.57 -7.24 2.13
CA ASN B 44 12.40 -7.46 2.94
C ASN B 44 12.84 -8.06 4.28
N ARG B 45 12.41 -7.42 5.36
CA ARG B 45 12.87 -7.81 6.69
C ARG B 45 11.94 -8.81 7.37
N ARG B 46 10.82 -9.18 6.75
CA ARG B 46 9.90 -10.15 7.37
C ARG B 46 10.52 -11.55 7.33
N THR B 47 10.04 -12.39 8.24
CA THR B 47 10.54 -13.75 8.34
C THR B 47 10.39 -14.54 7.04
N GLN B 48 9.34 -14.30 6.27
CA GLN B 48 9.06 -15.10 5.07
C GLN B 48 9.77 -14.55 3.83
N ALA B 49 10.66 -13.54 3.99
CA ALA B 49 11.32 -12.91 2.85
C ALA B 49 12.00 -13.94 1.94
N ARG B 50 12.75 -14.88 2.51
CA ARG B 50 13.49 -15.79 1.64
C ARG B 50 12.51 -16.60 0.78
N GLN B 51 11.41 -17.08 1.40
CA GLN B 51 10.44 -17.87 0.64
C GLN B 51 9.89 -17.04 -0.52
N MET B 52 9.54 -15.79 -0.21
CA MET B 52 9.01 -14.89 -1.19
C MET B 52 9.98 -14.72 -2.35
N PHE B 53 11.25 -14.48 -2.01
CA PHE B 53 12.22 -14.20 -3.09
C PHE B 53 12.58 -15.45 -3.83
N GLU B 54 12.57 -16.61 -3.15
CA GLU B 54 12.87 -17.82 -3.88
C GLU B 54 11.76 -18.12 -4.89
N GLY B 55 10.50 -17.76 -4.53
CA GLY B 55 9.42 -17.94 -5.52
C GLY B 55 9.62 -17.03 -6.72
N GLU B 56 10.06 -15.79 -6.47
CA GLU B 56 10.32 -14.88 -7.59
C GLU B 56 11.50 -15.40 -8.43
N VAL B 57 12.53 -15.94 -7.79
CA VAL B 57 13.63 -16.50 -8.59
C VAL B 57 13.09 -17.58 -9.50
N ALA B 58 12.28 -18.48 -8.93
CA ALA B 58 11.72 -19.59 -9.73
C ALA B 58 10.89 -19.05 -10.88
N SER B 59 10.10 -18.01 -10.58
CA SER B 59 9.24 -17.41 -11.62
C SER B 59 10.10 -16.78 -12.70
N LEU B 60 11.08 -15.99 -12.29
CA LEU B 60 11.95 -15.40 -13.30
C LEU B 60 12.59 -16.50 -14.15
N GLU B 61 13.02 -17.60 -13.52
CA GLU B 61 13.73 -18.59 -14.33
C GLU B 61 12.79 -19.25 -15.31
N ALA B 62 11.57 -19.51 -14.87
CA ALA B 62 10.60 -20.15 -15.76
C ALA B 62 10.31 -19.26 -16.95
N LEU B 63 10.14 -17.93 -16.70
CA LEU B 63 9.83 -17.06 -17.85
C LEU B 63 11.05 -16.99 -18.78
N ARG B 64 12.22 -16.88 -18.18
CA ARG B 64 13.44 -16.70 -19.02
C ARG B 64 13.67 -17.94 -19.88
N SER B 65 13.27 -19.11 -19.38
CA SER B 65 13.47 -20.33 -20.17
C SER B 65 12.66 -20.38 -21.44
N THR B 66 11.56 -19.63 -21.50
CA THR B 66 10.75 -19.62 -22.70
C THR B 66 11.41 -18.84 -23.84
N GLY B 67 12.30 -17.92 -23.53
CA GLY B 67 12.89 -17.05 -24.56
C GLY B 67 11.90 -16.11 -25.24
N LEU B 68 10.72 -15.84 -24.65
CA LEU B 68 9.67 -15.08 -25.35
C LEU B 68 9.52 -13.66 -24.84
N VAL B 69 10.01 -13.37 -23.62
CA VAL B 69 9.85 -12.08 -22.96
C VAL B 69 11.15 -11.77 -22.24
N ARG B 70 11.44 -10.49 -22.04
CA ARG B 70 12.66 -10.08 -21.33
C ARG B 70 12.35 -9.78 -19.88
N VAL B 71 13.08 -10.42 -18.98
CA VAL B 71 12.92 -10.24 -17.54
C VAL B 71 14.31 -10.23 -16.92
N PRO B 72 14.44 -9.61 -15.75
CA PRO B 72 15.78 -9.54 -15.11
C PRO B 72 16.28 -10.91 -14.72
N ARG B 73 17.59 -11.11 -14.87
CA ARG B 73 18.23 -12.34 -14.41
C ARG B 73 18.34 -12.34 -12.89
N PRO B 74 17.84 -13.37 -12.21
CA PRO B 74 18.03 -13.46 -10.74
C PRO B 74 19.47 -13.80 -10.44
N MET B 75 20.03 -13.15 -9.41
CA MET B 75 21.45 -13.35 -9.11
C MET B 75 21.61 -14.01 -7.75
N LYS B 76 21.08 -13.44 -6.69
CA LYS B 76 21.33 -14.07 -5.39
C LYS B 76 20.26 -13.71 -4.35
N VAL B 77 19.99 -14.67 -3.45
CA VAL B 77 19.12 -14.45 -2.30
C VAL B 77 19.98 -14.62 -1.06
N ILE B 78 20.00 -13.59 -0.24
CA ILE B 78 20.90 -13.43 0.89
C ILE B 78 20.10 -13.28 2.17
N ASP B 79 20.37 -14.14 3.15
CA ASP B 79 19.83 -13.95 4.48
C ASP B 79 20.51 -12.80 5.23
N LEU B 80 19.71 -12.01 5.87
CA LEU B 80 20.09 -10.82 6.62
C LEU B 80 20.15 -11.10 8.12
N PRO B 81 21.26 -10.74 8.82
CA PRO B 81 21.25 -10.75 10.29
C PRO B 81 20.07 -9.95 10.82
N GLY B 82 19.34 -10.51 11.76
CA GLY B 82 18.20 -9.76 12.22
C GLY B 82 16.91 -9.98 11.46
N GLY B 83 16.91 -10.84 10.44
CA GLY B 83 15.65 -11.25 9.87
C GLY B 83 15.45 -10.76 8.44
N GLY B 84 14.81 -11.61 7.64
CA GLY B 84 14.58 -11.25 6.27
C GLY B 84 15.73 -11.61 5.36
N ALA B 85 15.68 -10.98 4.18
CA ALA B 85 16.53 -11.34 3.07
C ALA B 85 16.62 -10.18 2.13
N ALA B 86 17.70 -10.23 1.32
CA ALA B 86 17.89 -9.36 0.16
C ALA B 86 17.92 -10.25 -1.09
N PHE B 87 17.41 -9.71 -2.17
CA PHE B 87 17.39 -10.41 -3.45
C PHE B 87 18.04 -9.47 -4.45
N VAL B 88 19.17 -9.91 -5.03
CA VAL B 88 19.92 -9.20 -6.02
C VAL B 88 19.56 -9.77 -7.38
N MET B 89 19.31 -8.88 -8.33
CA MET B 89 19.06 -9.21 -9.73
C MET B 89 19.65 -8.19 -10.68
N GLU B 90 19.63 -8.58 -11.96
CA GLU B 90 20.11 -7.72 -13.04
C GLU B 90 19.38 -6.37 -12.99
N HIS B 91 20.13 -5.29 -13.17
CA HIS B 91 19.54 -3.96 -13.28
C HIS B 91 19.21 -3.71 -14.74
N LEU B 92 18.01 -3.21 -14.99
CA LEU B 92 17.59 -2.84 -16.33
C LEU B 92 17.15 -1.40 -16.31
N LYS B 93 17.74 -0.57 -17.15
CA LYS B 93 17.25 0.79 -17.37
C LYS B 93 15.88 0.75 -18.08
N MET B 94 14.88 1.36 -17.50
CA MET B 94 13.50 1.15 -17.94
C MET B 94 12.70 2.43 -17.83
N LYS B 95 11.66 2.53 -18.65
CA LYS B 95 10.65 3.56 -18.53
C LYS B 95 9.27 2.89 -18.63
N SER B 96 8.23 3.62 -18.25
CA SER B 96 6.91 2.99 -18.23
C SER B 96 6.49 2.59 -19.64
N LEU B 97 5.67 1.55 -19.69
CA LEU B 97 5.22 0.99 -20.96
C LEU B 97 4.39 1.98 -21.77
N SER B 98 4.81 2.24 -23.02
CA SER B 98 4.03 3.12 -23.86
C SER B 98 4.09 2.66 -25.30
N SER B 99 5.16 3.03 -26.03
CA SER B 99 5.20 2.63 -27.44
C SER B 99 5.30 1.11 -27.64
N GLN B 100 5.84 0.37 -26.67
CA GLN B 100 6.03 -1.08 -26.81
C GLN B 100 4.81 -1.89 -26.32
N ALA B 101 3.67 -1.24 -26.11
CA ALA B 101 2.47 -1.93 -25.58
C ALA B 101 2.01 -3.05 -26.53
N SER B 102 1.94 -2.78 -27.84
CA SER B 102 1.39 -3.83 -28.69
C SER B 102 2.38 -4.98 -28.82
N LYS B 103 3.69 -4.67 -28.83
CA LYS B 103 4.68 -5.76 -28.80
C LYS B 103 4.54 -6.62 -27.51
N LEU B 104 4.31 -5.97 -26.38
CA LEU B 104 4.12 -6.76 -25.14
C LEU B 104 2.85 -7.61 -25.22
N GLY B 105 1.77 -7.07 -25.79
CA GLY B 105 0.56 -7.91 -26.00
C GLY B 105 0.87 -9.17 -26.80
N GLU B 106 1.66 -9.02 -27.88
CA GLU B 106 2.08 -10.19 -28.66
C GLU B 106 2.87 -11.17 -27.83
N GLN B 107 3.83 -10.66 -27.05
CA GLN B 107 4.70 -11.55 -26.29
C GLN B 107 3.91 -12.29 -25.21
N MET B 108 3.01 -11.59 -24.54
CA MET B 108 2.25 -12.21 -23.46
C MET B 108 1.35 -13.28 -24.02
N ALA B 109 0.75 -13.04 -25.21
CA ALA B 109 -0.05 -14.10 -25.80
C ALA B 109 0.82 -15.30 -26.19
N ASP B 110 1.99 -15.05 -26.83
CA ASP B 110 2.89 -16.18 -27.12
C ASP B 110 3.32 -16.94 -25.86
N LEU B 111 3.60 -16.22 -24.79
CA LEU B 111 3.96 -16.88 -23.54
C LEU B 111 2.84 -17.79 -23.08
N HIS B 112 1.60 -17.27 -23.11
CA HIS B 112 0.50 -18.12 -22.68
C HIS B 112 0.32 -19.32 -23.57
N LEU B 113 0.58 -19.16 -24.85
CA LEU B 113 0.42 -20.25 -25.85
C LEU B 113 1.59 -21.21 -25.87
N TYR B 114 2.70 -20.85 -25.21
CA TYR B 114 3.91 -21.66 -25.26
C TYR B 114 3.68 -23.08 -24.80
N ASN B 115 2.93 -23.26 -23.70
CA ASN B 115 2.71 -24.61 -23.16
C ASN B 115 1.95 -25.51 -24.17
N GLN B 116 1.09 -24.93 -25.01
CA GLN B 116 0.44 -25.66 -26.11
C GLN B 116 1.34 -25.91 -27.31
N LYS B 117 2.12 -24.92 -27.74
CA LYS B 117 2.84 -25.03 -28.99
C LYS B 117 4.32 -25.31 -28.88
N GLY B 118 4.94 -25.02 -27.76
CA GLY B 118 6.33 -25.35 -27.60
C GLY B 118 6.48 -26.81 -27.24
N SER B 119 7.72 -27.18 -27.00
CA SER B 119 8.06 -28.47 -26.41
C SER B 119 7.83 -28.32 -24.90
N SER B 120 6.55 -28.29 -24.51
CA SER B 120 6.11 -28.09 -23.11
C SER B 120 5.00 -29.10 -22.85
N TYR B 121 5.02 -29.74 -21.71
CA TYR B 121 4.07 -30.82 -21.51
C TYR B 121 3.26 -30.65 -20.24
N VAL B 122 3.09 -29.44 -19.75
CA VAL B 122 2.47 -29.29 -18.43
C VAL B 122 0.97 -29.40 -18.60
N ASP B 123 0.40 -30.48 -18.10
CA ASP B 123 -1.03 -30.73 -18.32
C ASP B 123 -1.84 -30.62 -17.02
N LYS B 124 -1.34 -29.90 -16.03
CA LYS B 124 -2.09 -29.64 -14.82
C LYS B 124 -1.85 -28.18 -14.44
N PHE B 125 -2.67 -27.68 -13.54
CA PHE B 125 -2.57 -26.29 -13.08
C PHE B 125 -1.85 -26.26 -11.77
N GLY B 126 -0.99 -25.21 -11.60
CA GLY B 126 -0.18 -25.10 -10.40
C GLY B 126 1.27 -24.84 -10.75
N PHE B 127 2.20 -25.27 -9.89
CA PHE B 127 3.58 -24.89 -10.10
C PHE B 127 4.46 -25.81 -9.27
N HIS B 128 5.73 -25.89 -9.66
CA HIS B 128 6.58 -26.87 -8.98
C HIS B 128 7.08 -26.36 -7.65
N THR B 129 6.81 -25.12 -7.29
CA THR B 129 7.32 -24.60 -6.04
C THR B 129 6.38 -23.51 -5.56
N VAL B 130 6.52 -23.13 -4.29
CA VAL B 130 5.70 -22.09 -3.70
C VAL B 130 6.08 -20.72 -4.28
N THR B 131 5.07 -19.93 -4.64
CA THR B 131 5.27 -18.55 -5.04
C THR B 131 4.38 -17.69 -4.16
N CYS B 132 4.75 -16.43 -3.96
CA CYS B 132 3.97 -15.60 -3.06
C CYS B 132 3.18 -14.55 -3.80
N CYS B 133 1.94 -14.40 -3.39
CA CYS B 133 1.17 -13.24 -3.79
C CYS B 133 1.54 -12.12 -2.83
N GLY B 134 2.49 -11.23 -3.19
CA GLY B 134 2.90 -10.24 -2.17
C GLY B 134 3.57 -10.91 -1.00
N PHE B 135 3.04 -10.72 0.21
CA PHE B 135 3.60 -11.37 1.40
C PHE B 135 3.02 -12.76 1.61
N ILE B 136 1.94 -13.11 0.91
CA ILE B 136 1.12 -14.25 1.28
C ILE B 136 1.63 -15.48 0.52
N PRO B 137 2.11 -16.50 1.19
CA PRO B 137 2.51 -17.73 0.49
C PRO B 137 1.28 -18.35 -0.16
N GLN B 138 1.49 -18.90 -1.36
CA GLN B 138 0.43 -19.59 -2.09
C GLN B 138 0.75 -21.08 -2.19
N VAL B 139 -0.32 -21.85 -2.22
CA VAL B 139 -0.26 -23.27 -2.51
C VAL B 139 -0.32 -23.41 -4.02
N ASN B 140 0.63 -24.14 -4.57
CA ASN B 140 0.67 -24.38 -6.02
C ASN B 140 0.51 -25.85 -6.35
N GLU B 141 -0.10 -26.62 -5.45
CA GLU B 141 -0.30 -28.06 -5.64
C GLU B 141 -1.03 -28.35 -6.94
N TRP B 142 -0.46 -29.24 -7.74
CA TRP B 142 -0.99 -29.48 -9.07
C TRP B 142 -2.42 -29.99 -9.02
N GLN B 143 -3.27 -29.51 -9.94
CA GLN B 143 -4.67 -29.94 -10.01
C GLN B 143 -5.05 -30.09 -11.45
N ASP B 144 -5.83 -31.15 -11.79
CA ASP B 144 -6.27 -31.29 -13.19
C ASP B 144 -7.31 -30.26 -13.60
N ASP B 145 -8.10 -29.73 -12.67
CA ASP B 145 -9.24 -28.88 -13.01
C ASP B 145 -8.94 -27.42 -12.61
N TRP B 146 -8.94 -26.50 -13.58
CA TRP B 146 -8.62 -25.11 -13.24
C TRP B 146 -9.64 -24.50 -12.29
N PRO B 147 -10.96 -24.62 -12.50
CA PRO B 147 -11.85 -23.99 -11.53
C PRO B 147 -11.65 -24.54 -10.13
N THR B 148 -11.30 -25.82 -9.97
CA THR B 148 -10.96 -26.37 -8.66
C THR B 148 -9.71 -25.71 -8.08
N PHE B 149 -8.67 -25.65 -8.88
CA PHE B 149 -7.40 -25.04 -8.42
C PHE B 149 -7.66 -23.58 -8.00
N PHE B 150 -8.35 -22.83 -8.84
CA PHE B 150 -8.53 -21.41 -8.51
C PHE B 150 -9.43 -21.23 -7.30
N ALA B 151 -10.51 -22.02 -7.22
CA ALA B 151 -11.41 -21.91 -6.05
C ALA B 151 -10.69 -22.26 -4.78
N ARG B 152 -9.95 -23.35 -4.81
CA ARG B 152 -9.32 -23.83 -3.59
C ARG B 152 -8.04 -23.06 -3.23
N HIS B 153 -7.12 -22.92 -4.17
CA HIS B 153 -5.77 -22.42 -3.86
C HIS B 153 -5.57 -20.96 -4.13
N ARG B 154 -6.60 -20.28 -4.58
CA ARG B 154 -6.57 -18.82 -4.73
C ARG B 154 -7.70 -18.15 -3.96
N LEU B 155 -8.96 -18.36 -4.35
CA LEU B 155 -10.03 -17.62 -3.68
C LEU B 155 -10.21 -18.08 -2.23
N GLN B 156 -10.34 -19.38 -2.02
CA GLN B 156 -10.57 -19.88 -0.65
C GLN B 156 -9.43 -19.52 0.27
N ALA B 157 -8.20 -19.59 -0.24
CA ALA B 157 -7.07 -19.20 0.59
C ALA B 157 -7.18 -17.73 1.04
N GLN B 158 -7.58 -16.84 0.11
CA GLN B 158 -7.68 -15.44 0.51
C GLN B 158 -8.82 -15.26 1.50
N LEU B 159 -9.96 -15.90 1.25
CA LEU B 159 -11.11 -15.68 2.14
C LEU B 159 -10.88 -16.32 3.50
N ASP B 160 -10.08 -17.40 3.57
CA ASP B 160 -9.76 -17.94 4.89
C ASP B 160 -8.94 -16.94 5.70
N LEU B 161 -7.99 -16.27 5.06
CA LEU B 161 -7.24 -15.20 5.71
C LEU B 161 -8.16 -14.03 6.11
N ILE B 162 -9.10 -13.63 5.25
CA ILE B 162 -10.05 -12.59 5.62
C ILE B 162 -10.83 -13.03 6.87
N GLU B 163 -11.25 -14.30 6.89
CA GLU B 163 -12.01 -14.81 8.06
C GLU B 163 -11.16 -14.78 9.31
N LYS B 164 -9.92 -15.23 9.21
CA LYS B 164 -9.03 -15.18 10.37
C LYS B 164 -8.85 -13.74 10.87
N ASP B 165 -8.57 -12.82 9.97
CA ASP B 165 -8.11 -11.50 10.41
C ASP B 165 -9.23 -10.48 10.59
N TYR B 166 -10.30 -10.59 9.81
CA TYR B 166 -11.41 -9.66 9.85
C TYR B 166 -12.70 -10.31 10.35
N ALA B 167 -12.76 -11.63 10.36
CA ALA B 167 -14.01 -12.36 10.78
C ALA B 167 -15.27 -11.73 10.15
N ASP B 168 -15.23 -11.52 8.83
CA ASP B 168 -16.26 -10.75 8.13
C ASP B 168 -17.43 -11.66 7.70
N ARG B 169 -18.61 -11.45 8.30
CA ARG B 169 -19.74 -12.34 8.01
C ARG B 169 -20.20 -12.25 6.56
N GLU B 170 -20.35 -11.04 6.02
CA GLU B 170 -20.81 -10.89 4.66
C GLU B 170 -19.88 -11.59 3.69
N ALA B 171 -18.56 -11.47 3.90
CA ALA B 171 -17.60 -12.16 3.01
C ALA B 171 -17.80 -13.66 3.04
N ARG B 172 -17.94 -14.26 4.24
CA ARG B 172 -18.20 -15.69 4.37
C ARG B 172 -19.49 -16.10 3.65
N GLU B 173 -20.56 -15.34 3.87
CA GLU B 173 -21.87 -15.78 3.36
C GLU B 173 -21.94 -15.64 1.85
N LEU B 174 -21.42 -14.53 1.34
CA LEU B 174 -21.34 -14.38 -0.13
C LEU B 174 -20.45 -15.44 -0.77
N TRP B 175 -19.29 -15.75 -0.15
CA TRP B 175 -18.41 -16.78 -0.73
C TRP B 175 -19.11 -18.13 -0.84
N SER B 176 -19.81 -18.52 0.21
CA SER B 176 -20.51 -19.80 0.15
C SER B 176 -21.46 -19.83 -1.03
N ARG B 177 -22.21 -18.75 -1.28
CA ARG B 177 -23.08 -18.76 -2.44
C ARG B 177 -22.27 -18.75 -3.76
N LEU B 178 -21.18 -18.00 -3.80
CA LEU B 178 -20.40 -17.87 -5.05
C LEU B 178 -19.73 -19.19 -5.44
N GLN B 179 -19.30 -19.96 -4.43
CA GLN B 179 -18.69 -21.24 -4.65
C GLN B 179 -19.56 -22.10 -5.53
N VAL B 180 -20.88 -21.99 -5.33
CA VAL B 180 -21.82 -22.84 -6.07
C VAL B 180 -21.89 -22.40 -7.53
N LYS B 181 -21.73 -21.09 -7.78
CA LYS B 181 -21.86 -20.58 -9.14
C LYS B 181 -20.61 -20.82 -9.99
N ILE B 182 -19.43 -20.99 -9.37
CA ILE B 182 -18.17 -20.91 -10.14
C ILE B 182 -18.11 -21.80 -11.39
N PRO B 183 -18.46 -23.09 -11.32
CA PRO B 183 -18.38 -23.90 -12.56
C PRO B 183 -19.19 -23.34 -13.74
N ASP B 184 -20.35 -22.71 -13.50
CA ASP B 184 -21.16 -22.15 -14.58
C ASP B 184 -20.46 -21.04 -15.33
N LEU B 185 -19.50 -20.36 -14.67
CA LEU B 185 -18.78 -19.27 -15.32
C LEU B 185 -17.83 -19.76 -16.39
N PHE B 186 -17.59 -21.05 -16.48
CA PHE B 186 -16.59 -21.59 -17.40
C PHE B 186 -17.21 -22.16 -18.68
N CYS B 187 -18.52 -22.07 -18.86
CA CYS B 187 -19.12 -22.28 -20.20
C CYS B 187 -18.76 -23.63 -20.83
N GLY B 188 -18.48 -24.63 -20.01
CA GLY B 188 -18.12 -25.96 -20.49
C GLY B 188 -16.81 -26.01 -21.26
N LEU B 189 -15.97 -24.98 -21.13
CA LEU B 189 -14.72 -24.92 -21.92
C LEU B 189 -13.64 -25.84 -21.38
N GLU B 190 -12.79 -26.31 -22.28
CA GLU B 190 -11.63 -27.08 -21.90
C GLU B 190 -10.52 -26.05 -21.68
N ILE B 191 -10.06 -25.88 -20.44
CA ILE B 191 -9.03 -24.88 -20.14
C ILE B 191 -7.67 -25.54 -20.28
N VAL B 192 -6.73 -24.89 -20.96
CA VAL B 192 -5.37 -25.45 -21.09
C VAL B 192 -4.41 -24.70 -20.18
N PRO B 193 -3.52 -25.37 -19.44
CA PRO B 193 -2.56 -24.64 -18.57
C PRO B 193 -1.69 -23.69 -19.39
N ALA B 194 -1.49 -22.47 -18.88
CA ALA B 194 -0.71 -21.43 -19.52
C ALA B 194 0.28 -20.90 -18.48
N LEU B 195 1.56 -20.80 -18.83
CA LEU B 195 2.49 -20.17 -17.88
C LEU B 195 2.17 -18.71 -17.75
N LEU B 196 1.98 -18.24 -16.51
CA LEU B 196 1.60 -16.86 -16.28
C LEU B 196 2.74 -16.11 -15.58
N HIS B 197 2.89 -14.83 -15.94
CA HIS B 197 3.69 -13.93 -15.09
C HIS B 197 3.11 -13.91 -13.67
N GLY B 198 1.79 -13.79 -13.56
CA GLY B 198 1.11 -13.92 -12.27
C GLY B 198 0.82 -12.60 -11.56
N ASP B 199 1.41 -11.48 -11.99
CA ASP B 199 1.17 -10.21 -11.27
C ASP B 199 1.35 -9.06 -12.25
N LEU B 200 0.65 -9.14 -13.39
CA LEU B 200 0.93 -8.25 -14.52
C LEU B 200 0.22 -6.92 -14.39
N TRP B 201 0.41 -6.25 -13.23
N TRP B 201 0.35 -6.26 -13.23
CA TRP B 201 -0.04 -4.89 -13.01
CA TRP B 201 -0.16 -4.91 -13.14
C TRP B 201 0.82 -3.94 -13.85
C TRP B 201 0.80 -3.94 -13.85
N SER B 202 0.25 -2.78 -14.25
CA SER B 202 1.03 -1.83 -15.06
C SER B 202 2.34 -1.41 -14.40
N GLY B 203 2.40 -1.44 -13.09
CA GLY B 203 3.63 -1.11 -12.37
C GLY B 203 4.73 -2.18 -12.48
N ASN B 204 4.41 -3.35 -13.03
CA ASN B 204 5.36 -4.46 -13.21
C ASN B 204 5.73 -4.68 -14.66
N VAL B 205 5.43 -3.72 -15.54
CA VAL B 205 5.84 -3.84 -16.96
C VAL B 205 6.44 -2.49 -17.33
N ALA B 206 7.31 -2.52 -18.34
CA ALA B 206 8.08 -1.31 -18.62
C ALA B 206 8.68 -1.51 -20.02
N GLU B 207 9.55 -0.61 -20.45
CA GLU B 207 10.21 -0.83 -21.73
C GLU B 207 11.55 -0.12 -21.76
N ASP B 208 12.40 -0.54 -22.69
CA ASP B 208 13.61 0.20 -23.02
C ASP B 208 13.65 0.31 -24.55
N ASP B 209 14.81 0.67 -25.14
CA ASP B 209 14.85 0.85 -26.60
C ASP B 209 14.75 -0.47 -27.39
N VAL B 210 15.03 -1.60 -26.74
CA VAL B 210 14.94 -2.90 -27.41
C VAL B 210 13.48 -3.35 -27.46
N GLY B 211 12.68 -3.05 -26.40
CA GLY B 211 11.30 -3.54 -26.39
C GLY B 211 10.75 -3.52 -24.96
N PRO B 212 9.64 -4.22 -24.75
CA PRO B 212 9.04 -4.25 -23.42
C PRO B 212 9.87 -5.13 -22.49
N ILE B 213 9.64 -4.96 -21.19
CA ILE B 213 10.27 -5.74 -20.14
C ILE B 213 9.22 -6.02 -19.05
N ILE B 214 9.26 -7.19 -18.42
CA ILE B 214 8.32 -7.45 -17.32
C ILE B 214 9.11 -7.99 -16.15
N TYR B 215 8.60 -7.76 -14.92
CA TYR B 215 9.41 -8.13 -13.75
C TYR B 215 8.46 -8.35 -12.57
N ASP B 216 9.03 -8.71 -11.42
CA ASP B 216 8.27 -9.03 -10.22
C ASP B 216 7.18 -10.09 -10.43
N PRO B 217 7.49 -11.21 -11.11
CA PRO B 217 6.47 -12.21 -11.39
C PRO B 217 6.11 -12.99 -10.13
N ALA B 218 4.92 -13.69 -10.21
CA ALA B 218 4.48 -14.61 -9.18
C ALA B 218 3.84 -15.75 -9.95
N SER B 219 4.68 -16.60 -10.53
CA SER B 219 4.27 -17.39 -11.70
C SER B 219 3.61 -18.71 -11.26
N PHE B 220 2.75 -19.25 -12.14
CA PHE B 220 2.20 -20.58 -12.04
C PHE B 220 1.54 -20.88 -13.39
N TYR B 221 1.10 -22.15 -13.56
CA TYR B 221 0.31 -22.55 -14.74
C TYR B 221 -1.15 -22.35 -14.39
N GLY B 222 -1.80 -21.44 -15.11
CA GLY B 222 -3.16 -21.08 -14.80
C GLY B 222 -4.00 -20.96 -16.09
N HIS B 223 -5.20 -20.40 -15.96
CA HIS B 223 -5.97 -19.93 -17.12
C HIS B 223 -5.34 -18.64 -17.66
N SER B 224 -5.03 -18.60 -18.96
CA SER B 224 -4.43 -17.40 -19.57
C SER B 224 -5.20 -16.15 -19.18
N GLU B 225 -6.54 -16.24 -19.12
CA GLU B 225 -7.31 -15.03 -18.87
C GLU B 225 -6.99 -14.41 -17.51
N PHE B 226 -6.64 -15.20 -16.52
CA PHE B 226 -6.36 -14.63 -15.19
C PHE B 226 -5.28 -13.53 -15.25
N GLU B 227 -4.28 -13.72 -16.12
CA GLU B 227 -3.21 -12.72 -16.28
C GLU B 227 -3.75 -11.30 -16.48
N LEU B 228 -4.78 -11.16 -17.32
CA LEU B 228 -5.26 -9.86 -17.74
C LEU B 228 -6.07 -9.14 -16.68
N ALA B 229 -6.59 -9.85 -15.70
CA ALA B 229 -7.54 -9.19 -14.78
C ALA B 229 -6.91 -8.02 -14.04
N ILE B 230 -5.74 -8.24 -13.48
CA ILE B 230 -5.09 -7.15 -12.72
C ILE B 230 -4.63 -6.01 -13.69
N ALA B 231 -4.21 -6.38 -14.91
CA ALA B 231 -3.85 -5.39 -15.92
C ALA B 231 -5.03 -4.48 -16.22
N LEU B 232 -6.22 -5.06 -16.35
CA LEU B 232 -7.41 -4.26 -16.62
C LEU B 232 -7.85 -3.47 -15.40
N MET B 233 -7.85 -4.09 -14.23
CA MET B 233 -8.54 -3.41 -13.14
C MET B 233 -7.76 -2.21 -12.63
N PHE B 234 -6.43 -2.18 -12.73
CA PHE B 234 -5.74 -1.00 -12.23
C PHE B 234 -5.26 -0.09 -13.38
N GLY B 235 -5.57 -0.44 -14.63
CA GLY B 235 -5.30 0.38 -15.82
C GLY B 235 -3.82 0.52 -16.11
N GLY B 236 -3.48 1.51 -16.97
CA GLY B 236 -2.08 1.74 -17.28
C GLY B 236 -1.56 1.03 -18.52
N PHE B 237 -2.31 0.08 -19.10
CA PHE B 237 -1.92 -0.51 -20.36
C PHE B 237 -2.65 0.20 -21.48
N PRO B 238 -1.92 0.67 -22.50
CA PRO B 238 -2.60 1.21 -23.70
C PRO B 238 -3.52 0.17 -24.31
N ARG B 239 -4.58 0.64 -24.99
CA ARG B 239 -5.50 -0.26 -25.71
C ARG B 239 -4.78 -1.25 -26.65
N SER B 240 -3.74 -0.78 -27.34
CA SER B 240 -3.05 -1.64 -28.30
C SER B 240 -2.46 -2.92 -27.67
N PHE B 241 -2.12 -2.88 -26.38
CA PHE B 241 -1.72 -4.12 -25.68
C PHE B 241 -2.82 -5.18 -25.78
N PHE B 242 -4.06 -4.80 -25.41
CA PHE B 242 -5.13 -5.81 -25.43
C PHE B 242 -5.51 -6.17 -26.85
N THR B 243 -5.50 -5.22 -27.78
CA THR B 243 -5.77 -5.55 -29.19
C THR B 243 -4.82 -6.60 -29.71
N ALA B 244 -3.52 -6.39 -29.50
CA ALA B 244 -2.55 -7.36 -29.99
C ALA B 244 -2.71 -8.72 -29.34
N TYR B 245 -2.94 -8.72 -28.02
CA TYR B 245 -3.09 -9.97 -27.29
C TYR B 245 -4.31 -10.76 -27.81
N HIS B 246 -5.46 -10.10 -27.95
CA HIS B 246 -6.64 -10.84 -28.32
C HIS B 246 -6.72 -11.14 -29.80
N ARG B 247 -5.88 -10.49 -30.63
CA ARG B 247 -5.71 -11.03 -31.98
C ARG B 247 -5.14 -12.43 -31.97
N LYS B 248 -4.30 -12.75 -30.98
CA LYS B 248 -3.71 -14.08 -30.91
C LYS B 248 -4.51 -15.04 -30.05
N ILE B 249 -5.12 -14.52 -28.98
CA ILE B 249 -5.98 -15.33 -28.12
C ILE B 249 -7.33 -14.63 -27.97
N PRO B 250 -8.29 -14.94 -28.83
CA PRO B 250 -9.61 -14.32 -28.76
C PRO B 250 -10.29 -14.60 -27.42
N LYS B 251 -11.21 -13.71 -27.04
CA LYS B 251 -11.98 -13.93 -25.82
C LYS B 251 -12.93 -15.11 -26.00
N ALA B 252 -12.78 -16.13 -25.16
CA ALA B 252 -13.68 -17.28 -25.12
C ALA B 252 -15.03 -16.85 -24.51
N PRO B 253 -16.11 -17.58 -24.80
CA PRO B 253 -17.40 -17.21 -24.22
C PRO B 253 -17.30 -17.13 -22.70
N GLY B 254 -18.00 -16.17 -22.13
CA GLY B 254 -18.04 -15.94 -20.67
C GLY B 254 -16.85 -15.19 -20.15
N PHE B 255 -15.99 -14.69 -21.04
CA PHE B 255 -14.81 -13.92 -20.63
C PHE B 255 -15.19 -12.80 -19.67
N ASP B 256 -16.22 -12.03 -19.99
CA ASP B 256 -16.52 -10.85 -19.16
C ASP B 256 -16.89 -11.25 -17.75
N GLN B 257 -17.59 -12.36 -17.59
CA GLN B 257 -17.95 -12.79 -16.23
C GLN B 257 -16.78 -13.38 -15.47
N ARG B 258 -15.92 -14.15 -16.16
CA ARG B 258 -14.73 -14.63 -15.50
C ARG B 258 -13.83 -13.46 -15.10
N LEU B 259 -13.82 -12.39 -15.90
CA LEU B 259 -12.99 -11.24 -15.54
C LEU B 259 -13.37 -10.77 -14.14
N LEU B 260 -14.66 -10.75 -13.85
CA LEU B 260 -15.06 -10.33 -12.49
C LEU B 260 -14.51 -11.28 -11.46
N LEU B 261 -14.58 -12.59 -11.73
CA LEU B 261 -14.06 -13.61 -10.79
C LEU B 261 -12.55 -13.47 -10.55
N TYR B 262 -11.82 -13.17 -11.63
CA TYR B 262 -10.38 -13.01 -11.48
C TYR B 262 -10.05 -11.66 -10.82
N GLN B 263 -10.80 -10.61 -11.12
CA GLN B 263 -10.59 -9.35 -10.41
C GLN B 263 -10.93 -9.50 -8.94
N LEU B 264 -11.94 -10.33 -8.62
CA LEU B 264 -12.27 -10.59 -7.22
C LEU B 264 -11.05 -11.07 -6.45
N PHE B 265 -10.32 -12.04 -7.03
CA PHE B 265 -9.14 -12.52 -6.34
C PHE B 265 -8.23 -11.34 -5.96
N ASN B 266 -8.00 -10.44 -6.93
CA ASN B 266 -7.07 -9.33 -6.69
C ASN B 266 -7.63 -8.38 -5.63
N TYR B 267 -8.94 -8.15 -5.61
CA TYR B 267 -9.50 -7.32 -4.54
C TYR B 267 -9.32 -7.94 -3.17
N LEU B 268 -9.52 -9.28 -3.06
CA LEU B 268 -9.34 -9.99 -1.81
C LEU B 268 -7.89 -9.92 -1.37
N ASN B 269 -6.98 -10.04 -2.34
CA ASN B 269 -5.56 -9.94 -2.03
C ASN B 269 -5.20 -8.52 -1.54
N HIS B 270 -5.82 -7.51 -2.11
CA HIS B 270 -5.58 -6.14 -1.64
C HIS B 270 -6.24 -5.90 -0.28
N TRP B 271 -7.37 -6.52 -0.03
CA TRP B 271 -7.97 -6.47 1.30
C TRP B 271 -7.04 -7.06 2.32
N ASN B 272 -6.43 -8.20 2.00
CA ASN B 272 -5.53 -8.80 2.95
C ASN B 272 -4.24 -7.99 3.12
N HIS B 273 -3.71 -7.45 2.02
CA HIS B 273 -2.44 -6.74 2.17
C HIS B 273 -2.65 -5.33 2.72
N PHE B 274 -3.69 -4.66 2.31
CA PHE B 274 -3.80 -3.24 2.49
C PHE B 274 -5.01 -2.83 3.28
N GLY B 275 -5.83 -3.78 3.73
CA GLY B 275 -6.86 -3.47 4.71
C GLY B 275 -8.23 -3.13 4.16
N ARG B 276 -9.04 -2.56 5.04
CA ARG B 276 -10.50 -2.49 4.85
C ARG B 276 -10.94 -1.59 3.70
N GLU B 277 -10.10 -0.72 3.20
CA GLU B 277 -10.44 0.01 2.01
C GLU B 277 -10.89 -0.93 0.88
N TYR B 278 -10.40 -2.16 0.86
CA TYR B 278 -10.70 -3.08 -0.25
C TYR B 278 -11.84 -4.01 0.10
N ARG B 279 -12.50 -3.80 1.26
CA ARG B 279 -13.68 -4.64 1.57
C ARG B 279 -14.83 -4.36 0.61
N SER B 280 -15.13 -3.06 0.34
CA SER B 280 -16.29 -2.74 -0.47
C SER B 280 -16.18 -3.33 -1.89
N PRO B 281 -15.07 -3.17 -2.60
CA PRO B 281 -15.03 -3.79 -3.94
C PRO B 281 -14.99 -5.31 -3.88
N SER B 282 -14.41 -5.91 -2.84
CA SER B 282 -14.46 -7.36 -2.74
C SER B 282 -15.91 -7.88 -2.66
N LEU B 283 -16.67 -7.35 -1.69
CA LEU B 283 -18.07 -7.78 -1.54
C LEU B 283 -18.91 -7.40 -2.75
N GLY B 284 -18.71 -6.19 -3.26
CA GLY B 284 -19.51 -5.76 -4.38
C GLY B 284 -19.29 -6.64 -5.61
N THR B 285 -18.05 -7.12 -5.77
CA THR B 285 -17.78 -7.96 -6.96
C THR B 285 -18.48 -9.30 -6.80
N MET B 286 -18.45 -9.84 -5.57
CA MET B 286 -19.17 -11.09 -5.31
C MET B 286 -20.66 -10.89 -5.58
N ARG B 287 -21.22 -9.76 -5.12
CA ARG B 287 -22.65 -9.57 -5.34
C ARG B 287 -22.95 -9.46 -6.81
N ARG B 288 -22.06 -8.79 -7.54
CA ARG B 288 -22.28 -8.69 -8.97
C ARG B 288 -22.26 -10.07 -9.61
N LEU B 289 -21.35 -10.94 -9.17
CA LEU B 289 -21.31 -12.28 -9.77
C LEU B 289 -22.57 -13.07 -9.43
N LEU B 290 -23.23 -12.72 -8.34
CA LEU B 290 -24.35 -13.53 -7.88
C LEU B 290 -25.69 -13.02 -8.39
N LYS B 291 -25.71 -11.88 -9.10
CA LYS B 291 -26.91 -11.21 -9.64
C LYS B 291 -27.39 -11.90 -10.90
S SO4 C . 19.97 7.25 15.11
O1 SO4 C . 20.17 8.18 14.01
O2 SO4 C . 20.24 5.87 14.68
O3 SO4 C . 20.86 7.60 16.23
O4 SO4 C . 18.59 7.34 15.58
S SO4 D . -9.95 -1.00 37.80
O1 SO4 D . -11.17 -1.70 37.43
O2 SO4 D . -8.75 -1.78 37.43
O3 SO4 D . -9.92 0.28 37.10
O4 SO4 D . -9.95 -0.78 39.25
C1 EDO E . -6.90 21.57 -4.25
O1 EDO E . -6.18 22.76 -4.51
C2 EDO E . -8.38 21.92 -4.21
O2 EDO E . -9.16 20.75 -4.09
C1 EDO F . 20.72 -2.39 7.99
O1 EDO F . 20.72 -3.69 7.36
C2 EDO F . 21.62 -1.44 7.22
O2 EDO F . 20.86 -0.57 6.36
C1 EDO G . -12.19 26.86 16.49
O1 EDO G . -11.69 28.19 16.63
C2 EDO G . -13.38 26.54 17.41
O2 EDO G . -14.39 27.58 17.32
PG ANP H . -2.29 4.50 1.54
O1G ANP H . -3.44 4.63 0.57
O2G ANP H . -2.86 4.74 3.01
O3G ANP H . -1.70 3.03 1.43
PB ANP H . -1.45 7.14 0.59
O1B ANP H . -2.50 7.01 -0.49
O2B ANP H . -2.19 7.93 1.73
N3B ANP H . -1.01 5.62 1.20
PA ANP H . 0.91 8.86 0.72
O1A ANP H . 1.30 8.34 2.07
O2A ANP H . 0.45 10.33 0.80
O3A ANP H . -0.20 7.91 -0.01
O5' ANP H . 2.15 8.70 -0.25
C5' ANP H . 2.68 7.36 -0.45
C4' ANP H . 3.98 7.34 -1.23
O4' ANP H . 3.82 8.09 -2.45
C3' ANP H . 5.18 7.99 -0.51
O3' ANP H . 5.84 7.05 0.32
C2' ANP H . 6.02 8.51 -1.68
O2' ANP H . 6.93 7.57 -2.25
C1' ANP H . 4.95 8.90 -2.71
N9 ANP H . 4.54 10.32 -2.66
C8 ANP H . 3.62 10.90 -1.82
N7 ANP H . 3.46 12.19 -2.03
C5 ANP H . 4.34 12.47 -3.06
C6 ANP H . 4.65 13.66 -3.77
N6 ANP H . 4.08 14.84 -3.50
N1 ANP H . 5.57 13.59 -4.76
C2 ANP H . 6.13 12.40 -5.03
N3 ANP H . 5.91 11.22 -4.45
C4 ANP H . 5.01 11.32 -3.47
C1 EDO I . -4.51 -11.23 24.91
O1 EDO I . -4.46 -10.75 23.54
C2 EDO I . -5.92 -11.60 25.40
O2 EDO I . -6.43 -12.86 24.87
N A1A0O J . 0.97 2.01 9.40
CA A1A0O J . 0.75 3.50 9.08
C A1A0O J . -0.38 3.95 8.10
O A1A0O J . -0.70 3.28 7.08
CAA A1A0O J . 0.97 1.10 8.21
CAB A1A0O J . 1.24 -0.40 8.61
CAD A1A0O J . 2.61 0.41 10.43
CAE A1A0O J . 2.29 1.87 10.04
CAJ A1A0O J . -1.09 5.33 8.29
CAK A1A0O J . -2.19 5.29 9.41
CAL A1A0O J . -3.18 4.07 9.36
CAM A1A0O J . -4.17 3.95 8.18
OAC A1A0O J . 2.59 -0.44 9.26
OAN A1A0O J . -3.51 3.92 6.92
OAO A1A0O J . -2.33 2.91 9.24
OAP A1A0O J . -1.60 5.52 10.69
OAQ A1A0O J . -1.52 5.93 7.05
C1 EDO K . 15.18 6.15 0.84
O1 EDO K . 14.98 6.56 -0.52
C2 EDO K . 16.66 5.98 1.16
O2 EDO K . 17.38 7.08 0.59
C1 EDO L . 3.08 22.52 24.19
O1 EDO L . 2.72 21.10 24.34
C2 EDO L . 2.88 23.10 22.78
O2 EDO L . 1.60 22.83 22.15
S SO4 M . -5.61 4.14 -17.64
O1 SO4 M . -5.70 5.36 -18.44
O2 SO4 M . -5.23 3.01 -18.51
O3 SO4 M . -4.63 4.39 -16.58
O4 SO4 M . -6.87 3.83 -16.97
C1 EDO N . -16.41 -12.90 -24.58
O1 EDO N . -17.52 -13.46 -25.24
C2 EDO N . -16.91 -11.76 -23.68
O2 EDO N . -17.66 -12.50 -22.69
PG ANP O . 5.66 -3.88 -4.59
O1G ANP O . 5.75 -2.74 -5.58
O2G ANP O . 4.52 -3.56 -3.56
O3G ANP O . 5.32 -5.27 -5.31
PB ANP O . 8.27 -4.67 -4.82
O1B ANP O . 7.95 -6.13 -4.94
O2B ANP O . 9.63 -4.44 -4.12
N3B ANP O . 7.13 -4.02 -3.78
PA ANP O . 8.98 -4.29 -7.66
O1A ANP O . 7.97 -4.89 -8.59
O2A ANP O . 10.22 -5.18 -7.52
O3A ANP O . 8.32 -3.88 -6.20
O5' ANP O . 9.38 -2.93 -8.33
C5' ANP O . 10.43 -2.09 -7.90
C4' ANP O . 10.61 -0.92 -8.84
O4' ANP O . 12.02 -0.73 -9.02
C3' ANP O . 9.99 -1.01 -10.24
O3' ANP O . 8.94 -0.09 -10.51
C2' ANP O . 11.08 -0.48 -11.17
O2' ANP O . 10.86 0.92 -11.33
C1' ANP O . 12.35 -0.75 -10.38
N9 ANP O . 12.95 -2.04 -10.70
C8 ANP O . 12.46 -3.29 -10.44
N7 ANP O . 13.24 -4.26 -10.86
C5 ANP O . 14.30 -3.61 -11.45
C6 ANP O . 15.47 -4.07 -12.10
N6 ANP O . 15.74 -5.37 -12.25
N1 ANP O . 16.34 -3.14 -12.58
C2 ANP O . 16.06 -1.85 -12.41
N3 ANP O . 14.99 -1.29 -11.80
C4 ANP O . 14.15 -2.23 -11.35
C1 EDO P . -0.41 -28.88 -23.01
O1 EDO P . -1.45 -29.56 -22.25
C2 EDO P . 0.90 -29.67 -23.01
O2 EDO P . 0.61 -31.07 -22.94
C1 EDO Q . -26.47 -18.59 5.94
O1 EDO Q . -26.00 -18.76 7.29
C2 EDO Q . -27.69 -17.67 6.10
O2 EDO Q . -27.31 -16.31 5.84
C1 EDO R . -5.02 4.26 -23.82
O1 EDO R . -6.20 3.81 -23.09
C2 EDO R . -4.98 3.79 -25.27
O2 EDO R . -3.89 4.45 -25.94
N A1A0O S . -1.13 -3.18 -6.68
CA A1A0O S . -0.19 -4.06 -7.37
C A1A0O S . 0.73 -4.92 -6.49
O A1A0O S . 1.15 -4.64 -5.36
CAA A1A0O S . -0.42 -2.35 -5.66
CAB A1A0O S . -1.35 -1.46 -4.97
CAD A1A0O S . -2.68 -1.31 -6.98
CAE A1A0O S . -1.71 -2.23 -7.67
CAJ A1A0O S . 1.10 -6.28 -7.05
CAK A1A0O S . 0.07 -7.33 -6.46
CAL A1A0O S . -0.15 -7.35 -4.92
CAM A1A0O S . 1.08 -7.80 -4.20
OAC A1A0O S . -1.96 -0.59 -5.97
OAN A1A0O S . 0.55 -7.66 -2.89
OAO A1A0O S . -0.34 -6.00 -4.36
OAP A1A0O S . -1.20 -7.34 -7.08
OAQ A1A0O S . 2.52 -6.54 -6.87
#